data_6F4N
#
_entry.id   6F4N
#
_cell.length_a   68.002
_cell.length_b   68.002
_cell.length_c   267.898
_cell.angle_alpha   90.00
_cell.angle_beta   90.00
_cell.angle_gamma   120.00
#
_symmetry.space_group_name_H-M   'P 32 2 1'
#
loop_
_entity.id
_entity.type
_entity.pdbx_description
1 polymer 'JmjC domain-containing protein 5'
2 non-polymer 'MANGANESE (II) ION'
3 non-polymer '2-OXOGLUTARIC ACID'
4 water water
#
_entity_poly.entity_id   1
_entity_poly.type   'polypeptide(L)'
_entity_poly.pdbx_seq_one_letter_code
;ENLYFQSRPARGSLPEQPCTKKARADHGLIPDVKLEKTVPRLHRPSLQHFREQFLVPGRPVILKGVADHWPCMQKWSLEY
IQEIAGCRTVPVEVGSRYTDEEWSQTLMTVNEFISKYIVNEPRDVGYLAQHQLFDQIPELKQDISIPDYCSLGDGEEEEI
TINAWFGPQGTISPLHQDPQQNFLVQVMGRKYIRLYSPQESGALYPHDTHLLHNTSQVDVENPDLEKFPKFAKAPFLSCI
LSPGEILFIPVKYWHYVRALDLSFSVSFWWS
;
_entity_poly.pdbx_strand_id   A,B
#
loop_
_chem_comp.id
_chem_comp.type
_chem_comp.name
_chem_comp.formula
AKG non-polymer '2-OXOGLUTARIC ACID' 'C5 H6 O5'
MN non-polymer 'MANGANESE (II) ION' 'Mn 2'
#
# COMPACT_ATOMS: atom_id res chain seq x y z
N LEU A 29 -31.76 -12.73 -0.97
CA LEU A 29 -32.30 -14.04 -1.31
C LEU A 29 -31.47 -14.70 -2.40
N ILE A 30 -31.42 -16.03 -2.38
CA ILE A 30 -30.63 -16.82 -3.33
C ILE A 30 -31.59 -17.39 -4.38
N PRO A 31 -31.46 -17.05 -5.65
CA PRO A 31 -32.31 -17.66 -6.68
C PRO A 31 -32.02 -19.15 -6.81
N ASP A 32 -33.02 -19.87 -7.30
CA ASP A 32 -32.92 -21.33 -7.45
C ASP A 32 -32.33 -21.63 -8.82
N VAL A 33 -31.02 -21.85 -8.86
CA VAL A 33 -30.31 -22.06 -10.12
C VAL A 33 -30.57 -23.45 -10.70
N LYS A 34 -30.94 -24.42 -9.87
CA LYS A 34 -31.16 -25.78 -10.37
C LYS A 34 -32.43 -25.88 -11.19
N LEU A 35 -33.39 -24.96 -11.00
CA LEU A 35 -34.59 -24.93 -11.82
C LEU A 35 -34.33 -24.30 -13.18
N GLU A 36 -33.29 -23.50 -13.29
CA GLU A 36 -32.87 -22.90 -14.55
C GLU A 36 -31.70 -23.70 -15.12
N LYS A 37 -31.49 -23.59 -16.42
CA LYS A 37 -30.34 -24.22 -17.03
C LYS A 37 -29.06 -23.65 -16.41
N THR A 38 -28.21 -24.53 -15.90
CA THR A 38 -26.97 -24.10 -15.26
C THR A 38 -25.84 -24.05 -16.29
N VAL A 39 -24.96 -23.08 -16.11
CA VAL A 39 -23.73 -23.02 -16.90
C VAL A 39 -22.91 -24.27 -16.62
N PRO A 40 -22.40 -24.98 -17.63
CA PRO A 40 -21.59 -26.17 -17.34
C PRO A 40 -20.31 -25.77 -16.62
N ARG A 41 -19.86 -26.68 -15.75
CA ARG A 41 -18.62 -26.56 -14.98
C ARG A 41 -17.59 -27.60 -15.39
N LEU A 42 -16.37 -27.15 -15.71
CA LEU A 42 -15.30 -28.06 -16.09
C LEU A 42 -14.05 -27.76 -15.26
N HIS A 43 -13.34 -28.82 -14.89
N HIS A 43 -13.34 -28.82 -14.89
CA HIS A 43 -12.12 -28.71 -14.10
CA HIS A 43 -12.12 -28.69 -14.10
C HIS A 43 -10.91 -28.68 -15.03
C HIS A 43 -10.91 -28.68 -15.03
N ARG A 44 -10.19 -27.56 -15.05
CA ARG A 44 -8.96 -27.40 -15.82
C ARG A 44 -9.04 -28.02 -17.20
N PRO A 45 -10.02 -27.64 -18.02
CA PRO A 45 -10.11 -28.21 -19.37
C PRO A 45 -8.89 -27.82 -20.20
N SER A 46 -8.55 -28.69 -21.15
CA SER A 46 -7.43 -28.41 -22.05
C SER A 46 -7.69 -27.16 -22.87
N LEU A 47 -6.59 -26.56 -23.35
CA LEU A 47 -6.67 -25.43 -24.26
C LEU A 47 -7.46 -25.79 -25.52
N GLN A 48 -7.16 -26.96 -26.10
CA GLN A 48 -7.80 -27.38 -27.33
C GLN A 48 -9.32 -27.51 -27.15
N HIS A 49 -9.72 -28.20 -26.08
CA HIS A 49 -11.14 -28.39 -25.81
C HIS A 49 -11.85 -27.06 -25.58
N PHE A 50 -11.24 -26.19 -24.77
CA PHE A 50 -11.81 -24.87 -24.54
C PHE A 50 -11.98 -24.09 -25.84
N ARG A 51 -10.97 -24.13 -26.70
CA ARG A 51 -11.06 -23.39 -27.95
C ARG A 51 -12.17 -23.95 -28.85
N GLU A 52 -12.23 -25.27 -28.98
CA GLU A 52 -13.11 -25.87 -29.98
C GLU A 52 -14.58 -25.89 -29.53
N GLN A 53 -14.83 -26.22 -28.27
CA GLN A 53 -16.17 -26.31 -27.69
C GLN A 53 -16.71 -25.03 -27.05
N PHE A 54 -15.87 -24.06 -26.74
CA PHE A 54 -16.36 -22.90 -25.98
C PHE A 54 -15.96 -21.58 -26.63
N LEU A 55 -14.69 -21.38 -26.93
CA LEU A 55 -14.26 -20.08 -27.42
C LEU A 55 -14.82 -19.85 -28.82
N VAL A 56 -14.59 -20.80 -29.74
CA VAL A 56 -15.04 -20.63 -31.12
C VAL A 56 -16.56 -20.58 -31.21
N PRO A 57 -17.31 -21.49 -30.57
CA PRO A 57 -18.78 -21.42 -30.65
C PRO A 57 -19.40 -20.33 -29.79
N GLY A 58 -18.64 -19.73 -28.87
CA GLY A 58 -19.19 -18.67 -28.06
C GLY A 58 -20.09 -19.18 -26.97
N ARG A 59 -19.71 -20.28 -26.31
CA ARG A 59 -20.51 -20.94 -25.29
C ARG A 59 -19.96 -20.67 -23.90
N PRO A 60 -20.77 -20.22 -22.95
CA PRO A 60 -20.25 -19.99 -21.60
C PRO A 60 -19.80 -21.29 -20.92
N VAL A 61 -18.87 -21.16 -19.99
CA VAL A 61 -18.39 -22.28 -19.20
C VAL A 61 -17.80 -21.75 -17.91
N ILE A 62 -17.81 -22.57 -16.87
CA ILE A 62 -17.09 -22.27 -15.63
C ILE A 62 -15.85 -23.14 -15.55
N LEU A 63 -14.70 -22.51 -15.35
CA LEU A 63 -13.42 -23.20 -15.22
C LEU A 63 -13.10 -23.33 -13.74
N LYS A 64 -12.92 -24.57 -13.30
CA LYS A 64 -12.62 -24.94 -11.93
C LYS A 64 -11.16 -25.35 -11.82
N GLY A 65 -10.62 -25.28 -10.60
CA GLY A 65 -9.28 -25.77 -10.39
C GLY A 65 -8.20 -24.94 -11.04
N VAL A 66 -8.52 -23.72 -11.47
CA VAL A 66 -7.55 -22.87 -12.15
C VAL A 66 -7.12 -21.70 -11.27
N ALA A 67 -8.08 -20.93 -10.77
CA ALA A 67 -7.78 -19.79 -9.91
C ALA A 67 -7.95 -20.05 -8.42
N ASP A 68 -8.43 -21.24 -8.03
CA ASP A 68 -8.70 -21.51 -6.63
C ASP A 68 -7.46 -21.53 -5.74
N HIS A 69 -6.25 -21.57 -6.29
CA HIS A 69 -5.03 -21.48 -5.48
C HIS A 69 -4.24 -20.21 -5.75
N TRP A 70 -4.79 -19.32 -6.58
CA TRP A 70 -4.28 -17.96 -6.65
C TRP A 70 -4.09 -17.44 -5.23
N PRO A 71 -3.01 -16.72 -4.93
CA PRO A 71 -2.88 -16.10 -3.59
C PRO A 71 -4.06 -15.23 -3.17
N CYS A 72 -4.60 -14.44 -4.09
CA CYS A 72 -5.72 -13.56 -3.76
C CYS A 72 -6.82 -14.32 -3.03
N MET A 73 -6.99 -15.61 -3.31
CA MET A 73 -8.11 -16.35 -2.75
C MET A 73 -8.03 -16.39 -1.22
N GLN A 74 -6.83 -16.59 -0.67
CA GLN A 74 -6.67 -16.65 0.77
C GLN A 74 -6.22 -15.33 1.38
N LYS A 75 -5.47 -14.52 0.62
N LYS A 75 -5.45 -14.54 0.63
CA LYS A 75 -4.90 -13.28 1.16
CA LYS A 75 -4.92 -13.28 1.15
C LYS A 75 -5.86 -12.10 1.09
C LYS A 75 -5.97 -12.18 1.18
N TRP A 76 -6.78 -12.07 0.14
CA TRP A 76 -7.68 -10.93 0.00
C TRP A 76 -8.86 -11.10 0.95
N SER A 77 -8.77 -10.46 2.11
CA SER A 77 -9.92 -10.26 2.98
C SER A 77 -10.30 -8.79 2.94
N LEU A 78 -11.40 -8.46 3.62
CA LEU A 78 -11.74 -7.05 3.81
C LEU A 78 -10.60 -6.31 4.51
N GLU A 79 -10.04 -6.92 5.55
CA GLU A 79 -8.99 -6.27 6.34
C GLU A 79 -7.76 -6.01 5.49
N TYR A 80 -7.30 -7.01 4.75
CA TYR A 80 -6.10 -6.86 3.93
C TYR A 80 -6.26 -5.83 2.83
N ILE A 81 -7.39 -5.88 2.12
CA ILE A 81 -7.62 -4.87 1.09
C ILE A 81 -7.65 -3.48 1.70
N GLN A 82 -8.32 -3.32 2.85
CA GLN A 82 -8.33 -2.02 3.51
C GLN A 82 -6.94 -1.58 3.95
N GLU A 83 -6.07 -2.52 4.32
CA GLU A 83 -4.75 -2.15 4.77
C GLU A 83 -3.89 -1.66 3.61
N ILE A 84 -3.88 -2.40 2.50
CA ILE A 84 -2.96 -2.06 1.42
C ILE A 84 -3.47 -0.89 0.58
N ALA A 85 -4.76 -0.92 0.23
CA ALA A 85 -5.35 0.02 -0.72
C ALA A 85 -6.12 1.16 -0.06
N GLY A 86 -6.28 1.13 1.26
CA GLY A 86 -7.25 1.99 1.91
C GLY A 86 -7.07 3.49 1.66
N CYS A 87 -5.85 3.93 1.30
CA CYS A 87 -5.64 5.34 1.02
C CYS A 87 -5.80 5.70 -0.46
N ARG A 88 -5.72 4.74 -1.37
CA ARG A 88 -5.79 5.09 -2.78
C ARG A 88 -7.19 5.58 -3.14
N THR A 89 -7.25 6.48 -4.12
CA THR A 89 -8.52 7.02 -4.59
C THR A 89 -9.08 6.11 -5.69
N VAL A 90 -10.37 5.79 -5.60
CA VAL A 90 -11.05 4.96 -6.61
C VAL A 90 -12.40 5.57 -6.94
N PRO A 91 -12.89 5.31 -8.17
CA PRO A 91 -14.27 5.66 -8.54
C PRO A 91 -15.32 4.71 -7.96
N VAL A 92 -16.44 5.28 -7.51
CA VAL A 92 -17.51 4.50 -6.87
C VAL A 92 -18.83 4.83 -7.55
N GLU A 93 -19.48 3.82 -8.10
CA GLU A 93 -20.74 3.97 -8.83
C GLU A 93 -21.93 3.93 -7.87
N VAL A 94 -22.89 4.82 -8.13
CA VAL A 94 -24.16 4.81 -7.41
C VAL A 94 -25.26 5.11 -8.42
N GLY A 95 -26.25 4.25 -8.46
CA GLY A 95 -27.39 4.38 -9.36
C GLY A 95 -27.54 3.17 -10.27
N SER A 96 -28.66 3.15 -10.96
CA SER A 96 -28.96 2.08 -11.91
C SER A 96 -28.29 2.39 -13.24
N ARG A 97 -27.53 1.42 -13.75
CA ARG A 97 -26.81 1.56 -15.02
C ARG A 97 -27.69 1.37 -16.25
N TYR A 98 -29.02 1.39 -16.09
CA TYR A 98 -29.89 1.17 -17.23
C TYR A 98 -29.76 2.28 -18.28
N THR A 99 -29.47 3.51 -17.85
CA THR A 99 -29.27 4.63 -18.74
C THR A 99 -28.16 5.51 -18.19
N ASP A 100 -27.52 6.26 -19.08
CA ASP A 100 -26.43 7.14 -18.65
C ASP A 100 -26.88 8.08 -17.54
N GLU A 101 -28.08 8.66 -17.68
CA GLU A 101 -28.53 9.69 -16.75
C GLU A 101 -28.85 9.14 -15.37
N GLU A 102 -29.01 7.82 -15.24
CA GLU A 102 -29.51 7.23 -14.01
C GLU A 102 -28.43 6.88 -13.01
N TRP A 103 -27.15 7.12 -13.30
CA TRP A 103 -26.11 6.76 -12.35
C TRP A 103 -24.96 7.76 -12.43
N SER A 104 -24.11 7.73 -11.41
CA SER A 104 -22.94 8.59 -11.42
C SER A 104 -21.86 8.00 -10.54
N GLN A 105 -20.63 8.49 -10.73
CA GLN A 105 -19.50 8.02 -9.95
C GLN A 105 -18.92 9.15 -9.10
N THR A 106 -18.34 8.75 -7.96
CA THR A 106 -17.68 9.68 -7.06
C THR A 106 -16.30 9.12 -6.71
N LEU A 107 -15.28 9.96 -6.83
CA LEU A 107 -13.92 9.59 -6.52
C LEU A 107 -13.71 9.72 -5.02
N MET A 108 -13.27 8.64 -4.38
CA MET A 108 -13.08 8.68 -2.93
C MET A 108 -12.05 7.63 -2.56
N THR A 109 -11.49 7.74 -1.36
CA THR A 109 -10.55 6.74 -0.92
C THR A 109 -11.27 5.41 -0.67
N VAL A 110 -10.51 4.33 -0.72
CA VAL A 110 -11.03 3.00 -0.39
C VAL A 110 -11.59 2.98 1.04
N ASN A 111 -10.90 3.62 1.98
CA ASN A 111 -11.42 3.66 3.35
C ASN A 111 -12.78 4.32 3.40
N GLU A 112 -12.95 5.43 2.71
CA GLU A 112 -14.25 6.10 2.70
C GLU A 112 -15.32 5.20 2.10
N PHE A 113 -15.01 4.53 0.99
CA PHE A 113 -15.96 3.61 0.40
C PHE A 113 -16.38 2.49 1.36
N ILE A 114 -15.39 1.85 1.99
CA ILE A 114 -15.68 0.73 2.89
C ILE A 114 -16.52 1.21 4.07
N SER A 115 -16.22 2.40 4.58
CA SER A 115 -16.97 2.92 5.71
C SER A 115 -18.40 3.28 5.32
N LYS A 116 -18.59 3.89 4.15
CA LYS A 116 -19.88 4.47 3.82
C LYS A 116 -20.85 3.44 3.23
N TYR A 117 -20.34 2.45 2.52
CA TYR A 117 -21.18 1.55 1.74
C TYR A 117 -21.12 0.09 2.14
N ILE A 118 -20.22 -0.28 3.05
CA ILE A 118 -20.10 -1.67 3.48
C ILE A 118 -20.41 -1.79 4.98
N VAL A 119 -19.62 -1.12 5.83
CA VAL A 119 -19.64 -1.39 7.27
C VAL A 119 -20.75 -0.64 7.98
N ASN A 120 -20.92 0.66 7.70
CA ASN A 120 -21.96 1.44 8.36
C ASN A 120 -23.25 1.18 7.60
N GLU A 121 -24.36 1.11 8.37
CA GLU A 121 -25.65 0.77 7.78
C GLU A 121 -25.90 1.48 6.46
N PRO A 122 -25.63 0.82 5.32
CA PRO A 122 -25.66 1.54 4.05
C PRO A 122 -27.10 1.85 3.62
N ARG A 123 -27.55 3.11 3.62
CA ARG A 123 -28.88 3.38 3.06
C ARG A 123 -28.86 3.17 1.55
N ASP A 124 -27.86 3.73 0.88
CA ASP A 124 -27.67 3.55 -0.55
C ASP A 124 -26.62 2.48 -0.80
N VAL A 125 -26.74 1.84 -1.96
CA VAL A 125 -25.77 0.85 -2.42
C VAL A 125 -24.70 1.57 -3.22
N GLY A 126 -23.45 1.31 -2.88
CA GLY A 126 -22.31 1.81 -3.63
C GLY A 126 -21.47 0.65 -4.11
N TYR A 127 -20.81 0.86 -5.25
CA TYR A 127 -20.10 -0.20 -5.95
C TYR A 127 -18.83 0.33 -6.57
N LEU A 128 -17.69 -0.23 -6.17
CA LEU A 128 -16.42 0.03 -6.83
C LEU A 128 -16.29 -0.94 -8.00
N ALA A 129 -16.80 -0.51 -9.15
CA ALA A 129 -16.95 -1.37 -10.31
C ALA A 129 -16.07 -0.90 -11.45
N GLN A 130 -15.60 -1.86 -12.25
CA GLN A 130 -14.98 -1.56 -13.54
C GLN A 130 -13.82 -0.58 -13.37
N HIS A 131 -12.94 -0.87 -12.41
CA HIS A 131 -11.78 -0.04 -12.12
C HIS A 131 -10.50 -0.87 -12.21
N GLN A 132 -9.52 -0.32 -12.91
CA GLN A 132 -8.22 -0.93 -13.13
C GLN A 132 -7.32 -0.73 -11.91
N LEU A 133 -7.73 -1.38 -10.81
CA LEU A 133 -7.03 -1.24 -9.54
C LEU A 133 -5.62 -1.80 -9.60
N PHE A 134 -5.39 -2.77 -10.46
CA PHE A 134 -4.11 -3.47 -10.49
C PHE A 134 -3.07 -2.68 -11.27
N ASP A 135 -3.50 -1.77 -12.14
CA ASP A 135 -2.58 -0.79 -12.69
C ASP A 135 -2.25 0.28 -11.66
N GLN A 136 -3.23 0.64 -10.82
CA GLN A 136 -2.99 1.62 -9.77
C GLN A 136 -2.07 1.04 -8.70
N ILE A 137 -2.21 -0.25 -8.39
CA ILE A 137 -1.51 -0.90 -7.29
C ILE A 137 -0.83 -2.15 -7.84
N PRO A 138 0.34 -2.04 -8.47
CA PRO A 138 0.94 -3.20 -9.13
C PRO A 138 1.21 -4.37 -8.19
N GLU A 139 1.41 -4.13 -6.89
CA GLU A 139 1.66 -5.25 -5.97
C GLU A 139 0.54 -6.27 -6.05
N LEU A 140 -0.70 -5.82 -6.21
CA LEU A 140 -1.82 -6.75 -6.26
C LEU A 140 -1.74 -7.66 -7.46
N LYS A 141 -1.08 -7.23 -8.54
CA LYS A 141 -0.88 -8.11 -9.68
C LYS A 141 -0.13 -9.38 -9.31
N GLN A 142 0.57 -9.39 -8.16
CA GLN A 142 1.26 -10.60 -7.73
C GLN A 142 0.29 -11.64 -7.18
N ASP A 143 -0.93 -11.25 -6.82
CA ASP A 143 -1.85 -12.18 -6.18
C ASP A 143 -2.75 -12.89 -7.19
N ILE A 144 -2.66 -12.50 -8.46
CA ILE A 144 -3.49 -13.02 -9.54
C ILE A 144 -2.59 -13.41 -10.70
N SER A 145 -3.19 -14.00 -11.72
CA SER A 145 -2.46 -14.44 -12.90
C SER A 145 -3.36 -14.28 -14.11
N ILE A 146 -2.74 -14.28 -15.29
CA ILE A 146 -3.50 -14.28 -16.54
C ILE A 146 -3.90 -15.73 -16.84
N PRO A 147 -5.18 -16.01 -17.06
CA PRO A 147 -5.55 -17.40 -17.40
C PRO A 147 -4.79 -17.86 -18.64
N ASP A 148 -4.34 -19.12 -18.61
CA ASP A 148 -3.61 -19.65 -19.78
C ASP A 148 -4.47 -19.66 -21.03
N TYR A 149 -5.79 -19.76 -20.87
CA TYR A 149 -6.69 -19.81 -22.02
C TYR A 149 -6.63 -18.54 -22.86
N CYS A 150 -6.23 -17.42 -22.26
CA CYS A 150 -6.12 -16.17 -23.01
C CYS A 150 -5.13 -16.28 -24.16
N SER A 151 -4.19 -17.22 -24.11
CA SER A 151 -3.23 -17.32 -25.20
C SER A 151 -3.88 -17.83 -26.47
N LEU A 152 -5.13 -18.27 -26.42
CA LEU A 152 -5.84 -18.70 -27.61
C LEU A 152 -6.37 -17.54 -28.43
N GLY A 153 -6.32 -16.32 -27.89
CA GLY A 153 -6.79 -15.15 -28.58
C GLY A 153 -5.81 -14.63 -29.61
N ASP A 154 -6.20 -13.53 -30.24
CA ASP A 154 -5.35 -12.78 -31.16
C ASP A 154 -4.55 -11.70 -30.44
N GLY A 155 -5.18 -10.97 -29.55
CA GLY A 155 -4.53 -9.82 -28.95
C GLY A 155 -3.30 -10.21 -28.15
N GLU A 156 -2.60 -9.19 -27.70
CA GLU A 156 -1.40 -9.36 -26.90
C GLU A 156 -1.75 -9.42 -25.42
N GLU A 157 -0.85 -9.97 -24.61
CA GLU A 157 -1.09 -10.06 -23.16
C GLU A 157 -1.13 -8.70 -22.48
N GLU A 158 -0.60 -7.66 -23.12
CA GLU A 158 -0.49 -6.34 -22.50
C GLU A 158 -1.76 -5.51 -22.69
N GLU A 159 -2.56 -5.84 -23.71
CA GLU A 159 -3.80 -5.14 -23.98
C GLU A 159 -4.99 -5.80 -23.30
N ILE A 160 -4.75 -6.84 -22.49
CA ILE A 160 -5.80 -7.43 -21.67
C ILE A 160 -6.15 -6.42 -20.59
N THR A 161 -7.44 -6.20 -20.37
CA THR A 161 -7.88 -5.22 -19.38
C THR A 161 -8.34 -5.97 -18.14
N ILE A 162 -7.78 -5.62 -16.99
CA ILE A 162 -8.07 -6.31 -15.74
C ILE A 162 -8.80 -5.31 -14.84
N ASN A 163 -10.04 -5.62 -14.52
CA ASN A 163 -10.88 -4.72 -13.76
C ASN A 163 -11.27 -5.35 -12.43
N ALA A 164 -11.28 -4.54 -11.39
CA ALA A 164 -11.77 -4.97 -10.09
C ALA A 164 -13.24 -4.62 -9.97
N TRP A 165 -13.97 -5.48 -9.26
CA TRP A 165 -15.39 -5.28 -8.98
C TRP A 165 -15.56 -5.62 -7.51
N PHE A 166 -15.66 -4.61 -6.67
CA PHE A 166 -15.63 -4.80 -5.22
C PHE A 166 -16.81 -4.03 -4.66
N GLY A 167 -17.68 -4.72 -3.94
CA GLY A 167 -18.83 -4.07 -3.38
C GLY A 167 -19.65 -4.92 -2.43
N PRO A 168 -20.66 -4.31 -1.82
CA PRO A 168 -21.49 -5.01 -0.85
C PRO A 168 -22.45 -6.01 -1.48
N GLN A 169 -23.06 -6.79 -0.60
CA GLN A 169 -24.26 -7.52 -0.95
C GLN A 169 -25.26 -6.59 -1.65
N GLY A 170 -25.87 -7.08 -2.71
CA GLY A 170 -26.99 -6.39 -3.31
C GLY A 170 -26.64 -5.52 -4.50
N THR A 171 -25.36 -5.36 -4.81
CA THR A 171 -24.99 -4.67 -6.04
C THR A 171 -25.56 -5.43 -7.22
N ILE A 172 -25.96 -4.69 -8.25
CA ILE A 172 -26.55 -5.25 -9.44
C ILE A 172 -25.90 -4.59 -10.64
N SER A 173 -25.44 -5.41 -11.59
CA SER A 173 -25.03 -4.92 -12.89
C SER A 173 -26.11 -5.32 -13.88
N PRO A 174 -26.89 -4.37 -14.40
CA PRO A 174 -27.95 -4.72 -15.35
C PRO A 174 -27.48 -5.47 -16.57
N LEU A 175 -28.42 -6.16 -17.20
CA LEU A 175 -28.12 -7.01 -18.36
C LEU A 175 -27.50 -6.18 -19.46
N HIS A 176 -26.30 -6.58 -19.89
CA HIS A 176 -25.53 -5.82 -20.88
C HIS A 176 -24.57 -6.78 -21.58
N GLN A 177 -23.97 -6.29 -22.66
CA GLN A 177 -22.98 -7.03 -23.42
C GLN A 177 -21.74 -6.17 -23.65
N ASP A 178 -20.60 -6.86 -23.76
CA ASP A 178 -19.28 -6.25 -23.91
C ASP A 178 -18.61 -6.67 -25.21
N PRO A 179 -17.64 -5.90 -25.69
CA PRO A 179 -17.05 -6.14 -27.02
C PRO A 179 -15.84 -7.05 -27.03
N GLN A 180 -15.52 -7.69 -25.91
CA GLN A 180 -14.39 -8.62 -25.83
C GLN A 180 -14.80 -9.87 -25.08
N GLN A 181 -13.97 -10.90 -25.20
CA GLN A 181 -14.11 -12.07 -24.35
C GLN A 181 -13.84 -11.66 -22.91
N ASN A 182 -14.36 -12.44 -21.96
CA ASN A 182 -14.17 -12.13 -20.56
C ASN A 182 -13.94 -13.40 -19.74
N PHE A 183 -12.95 -13.34 -18.85
CA PHE A 183 -12.87 -14.28 -17.72
C PHE A 183 -13.17 -13.49 -16.46
N LEU A 184 -14.27 -13.84 -15.80
CA LEU A 184 -14.66 -13.23 -14.54
C LEU A 184 -14.31 -14.18 -13.39
N VAL A 185 -13.36 -13.76 -12.56
CA VAL A 185 -12.82 -14.57 -11.49
C VAL A 185 -13.43 -14.09 -10.18
N GLN A 186 -14.04 -15.01 -9.45
CA GLN A 186 -14.64 -14.69 -8.15
C GLN A 186 -13.61 -14.94 -7.05
N VAL A 187 -13.31 -13.91 -6.26
CA VAL A 187 -12.38 -14.00 -5.16
C VAL A 187 -13.07 -14.04 -3.81
N MET A 188 -14.09 -13.21 -3.61
N MET A 188 -14.09 -13.21 -3.62
CA MET A 188 -14.75 -13.02 -2.33
CA MET A 188 -14.75 -13.03 -2.34
C MET A 188 -16.25 -13.03 -2.54
C MET A 188 -16.25 -13.05 -2.57
N GLY A 189 -16.97 -13.80 -1.73
CA GLY A 189 -18.42 -13.86 -1.84
C GLY A 189 -18.89 -14.57 -3.09
N ARG A 190 -20.22 -14.57 -3.28
CA ARG A 190 -20.87 -15.23 -4.41
C ARG A 190 -21.69 -14.25 -5.21
N LYS A 191 -21.83 -14.56 -6.50
CA LYS A 191 -22.65 -13.77 -7.41
C LYS A 191 -23.60 -14.66 -8.21
N TYR A 192 -24.84 -14.19 -8.35
CA TYR A 192 -25.81 -14.77 -9.26
C TYR A 192 -25.68 -14.14 -10.64
N ILE A 193 -25.54 -14.98 -11.66
CA ILE A 193 -25.24 -14.50 -13.01
C ILE A 193 -26.22 -15.16 -13.98
N ARG A 194 -26.87 -14.34 -14.81
N ARG A 194 -26.88 -14.36 -14.80
CA ARG A 194 -27.74 -14.78 -15.89
CA ARG A 194 -27.72 -14.87 -15.88
C ARG A 194 -27.07 -14.47 -17.22
C ARG A 194 -27.11 -14.48 -17.21
N LEU A 195 -27.18 -15.41 -18.17
CA LEU A 195 -26.53 -15.26 -19.47
C LEU A 195 -27.50 -15.55 -20.59
N TYR A 196 -27.61 -14.62 -21.54
CA TYR A 196 -28.42 -14.76 -22.74
C TYR A 196 -27.52 -14.63 -23.95
N SER A 197 -27.57 -15.61 -24.85
CA SER A 197 -26.70 -15.59 -26.01
C SER A 197 -27.00 -14.37 -26.90
N PRO A 198 -26.06 -14.00 -27.77
CA PRO A 198 -26.32 -12.85 -28.66
C PRO A 198 -27.54 -13.03 -29.54
N GLN A 199 -27.92 -14.28 -29.85
CA GLN A 199 -29.07 -14.53 -30.71
C GLN A 199 -30.41 -14.30 -30.01
N GLU A 200 -30.41 -13.98 -28.72
CA GLU A 200 -31.64 -13.58 -28.02
C GLU A 200 -31.83 -12.08 -27.95
N SER A 201 -31.05 -11.28 -28.68
CA SER A 201 -31.11 -9.83 -28.47
C SER A 201 -32.52 -9.30 -28.68
N GLY A 202 -33.26 -9.83 -29.66
CA GLY A 202 -34.60 -9.34 -29.90
C GLY A 202 -35.51 -9.43 -28.68
N ALA A 203 -35.38 -10.51 -27.90
CA ALA A 203 -36.28 -10.70 -26.76
C ALA A 203 -35.83 -9.89 -25.55
N LEU A 204 -34.71 -9.18 -25.67
CA LEU A 204 -34.12 -8.40 -24.59
C LEU A 204 -34.26 -6.89 -24.78
N TYR A 205 -34.86 -6.43 -25.89
CA TYR A 205 -35.22 -5.03 -26.05
C TYR A 205 -34.06 -4.10 -25.74
N PRO A 206 -32.96 -4.15 -26.49
CA PRO A 206 -31.85 -3.23 -26.24
C PRO A 206 -32.27 -1.76 -26.29
N HIS A 207 -31.66 -0.96 -25.41
CA HIS A 207 -31.78 0.49 -25.49
C HIS A 207 -31.24 1.04 -26.81
N ASP A 208 -29.97 0.76 -27.08
CA ASP A 208 -29.28 1.25 -28.27
C ASP A 208 -28.33 0.19 -28.84
N THR A 209 -28.57 -0.21 -30.09
CA THR A 209 -27.76 -1.25 -30.72
C THR A 209 -26.27 -0.91 -30.66
N HIS A 210 -25.87 0.29 -31.07
CA HIS A 210 -24.45 0.65 -31.09
C HIS A 210 -23.86 0.62 -29.67
N HIS A 213 -20.87 -0.18 -25.21
CA HIS A 213 -21.46 -1.47 -24.83
C HIS A 213 -22.98 -1.36 -24.62
N ASN A 214 -23.72 -2.32 -25.20
CA ASN A 214 -25.17 -2.24 -25.30
C ASN A 214 -25.86 -2.83 -24.07
N THR A 215 -26.97 -2.21 -23.66
CA THR A 215 -27.66 -2.55 -22.43
C THR A 215 -29.15 -2.84 -22.66
N SER A 216 -29.66 -3.87 -21.99
CA SER A 216 -31.06 -4.22 -22.07
C SER A 216 -31.92 -3.27 -21.24
N GLN A 217 -33.14 -3.03 -21.73
CA GLN A 217 -34.18 -2.31 -20.98
C GLN A 217 -34.88 -3.14 -19.91
N VAL A 218 -34.67 -4.44 -19.86
CA VAL A 218 -35.43 -5.32 -18.97
C VAL A 218 -34.72 -5.49 -17.63
N ASP A 219 -35.52 -5.57 -16.56
CA ASP A 219 -35.03 -5.94 -15.23
C ASP A 219 -35.16 -7.47 -15.12
N VAL A 220 -34.02 -8.17 -15.17
CA VAL A 220 -34.05 -9.63 -15.33
C VAL A 220 -34.91 -10.26 -14.24
N GLU A 221 -34.72 -9.82 -13.00
CA GLU A 221 -35.32 -10.45 -11.83
C GLU A 221 -36.68 -9.84 -11.48
N ASN A 222 -37.13 -8.81 -12.21
CA ASN A 222 -38.48 -8.26 -12.06
C ASN A 222 -38.96 -7.64 -13.36
N PRO A 223 -39.19 -8.46 -14.39
CA PRO A 223 -39.51 -7.92 -15.70
C PRO A 223 -40.94 -7.42 -15.80
N ASP A 224 -41.11 -6.36 -16.58
CA ASP A 224 -42.41 -5.79 -16.94
C ASP A 224 -42.86 -6.66 -18.11
N LEU A 225 -43.73 -7.62 -17.79
CA LEU A 225 -44.09 -8.67 -18.74
C LEU A 225 -45.07 -8.19 -19.79
N GLU A 226 -45.82 -7.12 -19.52
CA GLU A 226 -46.60 -6.49 -20.56
C GLU A 226 -45.72 -5.71 -21.53
N LYS A 227 -44.82 -4.88 -20.99
CA LYS A 227 -43.96 -4.03 -21.82
C LYS A 227 -42.90 -4.82 -22.58
N PHE A 228 -42.59 -6.04 -22.14
CA PHE A 228 -41.48 -6.83 -22.69
C PHE A 228 -41.93 -8.29 -22.85
N PRO A 229 -42.96 -8.53 -23.66
CA PRO A 229 -43.55 -9.88 -23.70
C PRO A 229 -42.61 -10.96 -24.19
N LYS A 230 -41.70 -10.62 -25.13
CA LYS A 230 -40.79 -11.61 -25.68
C LYS A 230 -39.76 -12.14 -24.67
N PHE A 231 -39.50 -11.40 -23.60
CA PHE A 231 -38.49 -11.78 -22.62
C PHE A 231 -38.83 -13.06 -21.83
N ALA A 232 -40.11 -13.35 -21.62
CA ALA A 232 -40.46 -14.40 -20.68
C ALA A 232 -39.97 -15.76 -21.16
N LYS A 233 -39.99 -15.98 -22.46
CA LYS A 233 -39.68 -17.25 -23.10
C LYS A 233 -38.24 -17.34 -23.60
N ALA A 234 -37.44 -16.30 -23.42
CA ALA A 234 -36.09 -16.30 -23.93
C ALA A 234 -35.25 -17.32 -23.16
N PRO A 235 -34.53 -18.22 -23.83
CA PRO A 235 -33.71 -19.19 -23.10
C PRO A 235 -32.47 -18.52 -22.54
N PHE A 236 -31.94 -19.09 -21.46
CA PHE A 236 -30.77 -18.51 -20.83
C PHE A 236 -30.04 -19.59 -20.05
N LEU A 237 -28.82 -19.25 -19.62
CA LEU A 237 -28.07 -20.03 -18.66
C LEU A 237 -27.96 -19.21 -17.38
N SER A 238 -27.80 -19.88 -16.24
CA SER A 238 -27.57 -19.14 -15.02
C SER A 238 -26.63 -19.91 -14.11
N CYS A 239 -26.06 -19.19 -13.14
CA CYS A 239 -25.18 -19.84 -12.18
C CYS A 239 -25.06 -18.97 -10.95
N ILE A 240 -24.60 -19.60 -9.87
CA ILE A 240 -24.02 -18.89 -8.75
C ILE A 240 -22.53 -19.15 -8.78
N LEU A 241 -21.76 -18.10 -9.03
CA LEU A 241 -20.31 -18.18 -9.11
C LEU A 241 -19.75 -17.95 -7.72
N SER A 242 -18.87 -18.85 -7.27
CA SER A 242 -18.31 -18.84 -5.93
C SER A 242 -16.79 -18.66 -5.96
N PRO A 243 -16.16 -18.36 -4.82
CA PRO A 243 -14.71 -18.11 -4.82
C PRO A 243 -13.92 -19.24 -5.46
N GLY A 244 -12.94 -18.85 -6.28
CA GLY A 244 -12.04 -19.77 -6.94
C GLY A 244 -12.52 -20.23 -8.31
N GLU A 245 -13.72 -19.86 -8.70
CA GLU A 245 -14.31 -20.24 -9.97
C GLU A 245 -14.10 -19.13 -10.98
N ILE A 246 -13.95 -19.52 -12.25
CA ILE A 246 -13.86 -18.56 -13.35
C ILE A 246 -15.05 -18.76 -14.27
N LEU A 247 -15.78 -17.68 -14.56
CA LEU A 247 -16.82 -17.70 -15.56
C LEU A 247 -16.26 -17.13 -16.86
N PHE A 248 -16.35 -17.91 -17.93
CA PHE A 248 -16.07 -17.43 -19.27
C PHE A 248 -17.33 -16.81 -19.84
N ILE A 249 -17.28 -15.52 -20.12
CA ILE A 249 -18.39 -14.81 -20.77
C ILE A 249 -17.94 -14.56 -22.21
N PRO A 250 -18.46 -15.32 -23.17
CA PRO A 250 -18.08 -15.10 -24.58
C PRO A 250 -18.34 -13.66 -24.99
N VAL A 251 -17.53 -13.18 -25.93
CA VAL A 251 -17.71 -11.86 -26.49
C VAL A 251 -19.17 -11.64 -26.85
N LYS A 252 -19.71 -10.50 -26.42
CA LYS A 252 -21.05 -10.01 -26.76
C LYS A 252 -22.17 -10.91 -26.23
N TYR A 253 -21.86 -11.83 -25.32
CA TYR A 253 -22.88 -12.55 -24.58
C TYR A 253 -23.51 -11.62 -23.55
N TRP A 254 -24.84 -11.63 -23.47
CA TRP A 254 -25.53 -10.78 -22.51
C TRP A 254 -25.40 -11.39 -21.12
N HIS A 255 -25.08 -10.56 -20.14
CA HIS A 255 -24.87 -11.02 -18.77
C HIS A 255 -25.47 -10.03 -17.78
N TYR A 256 -26.03 -10.60 -16.71
CA TYR A 256 -26.63 -9.88 -15.60
C TYR A 256 -26.03 -10.46 -14.32
N VAL A 257 -25.66 -9.60 -13.37
CA VAL A 257 -24.87 -10.01 -12.21
C VAL A 257 -25.43 -9.34 -10.96
N ARG A 258 -25.74 -10.14 -9.94
CA ARG A 258 -26.12 -9.62 -8.63
C ARG A 258 -25.24 -10.24 -7.55
N ALA A 259 -24.64 -9.41 -6.71
CA ALA A 259 -23.83 -9.92 -5.61
C ALA A 259 -24.72 -10.47 -4.49
N LEU A 260 -24.40 -11.68 -4.03
CA LEU A 260 -25.16 -12.33 -2.97
C LEU A 260 -24.55 -12.11 -1.60
N ASP A 261 -23.30 -11.66 -1.54
CA ASP A 261 -22.58 -11.37 -0.30
C ASP A 261 -21.67 -10.19 -0.60
N LEU A 262 -21.03 -9.66 0.45
CA LEU A 262 -19.89 -8.79 0.23
C LEU A 262 -18.99 -9.50 -0.79
N SER A 263 -18.62 -8.82 -1.86
CA SER A 263 -18.07 -9.48 -3.04
C SER A 263 -16.87 -8.75 -3.64
N PHE A 264 -15.93 -9.54 -4.15
CA PHE A 264 -14.78 -9.08 -4.93
C PHE A 264 -14.54 -10.01 -6.11
N SER A 265 -14.63 -9.45 -7.32
CA SER A 265 -14.35 -10.13 -8.58
C SER A 265 -13.27 -9.39 -9.37
N VAL A 266 -12.61 -10.14 -10.25
CA VAL A 266 -11.58 -9.63 -11.14
C VAL A 266 -11.92 -10.10 -12.54
N SER A 267 -12.16 -9.17 -13.45
CA SER A 267 -12.45 -9.51 -14.82
C SER A 267 -11.23 -9.28 -15.70
N PHE A 268 -11.11 -10.13 -16.72
CA PHE A 268 -10.08 -10.11 -17.74
C PHE A 268 -10.76 -9.99 -19.10
N TRP A 269 -10.66 -8.81 -19.70
CA TRP A 269 -11.18 -8.55 -21.03
C TRP A 269 -10.07 -8.78 -22.04
N TRP A 270 -10.32 -9.68 -22.99
CA TRP A 270 -9.27 -10.12 -23.90
C TRP A 270 -9.87 -10.51 -25.26
N SER A 271 -9.01 -10.54 -26.27
CA SER A 271 -9.40 -10.86 -27.64
C SER A 271 -8.35 -11.73 -28.32
N LEU B 29 21.05 25.91 6.74
CA LEU B 29 22.47 26.15 6.53
C LEU B 29 23.26 24.85 6.62
N ILE B 30 24.33 24.75 5.84
CA ILE B 30 25.16 23.57 5.74
C ILE B 30 26.49 23.86 6.44
N PRO B 31 26.90 23.10 7.46
CA PRO B 31 28.19 23.35 8.10
C PRO B 31 29.34 22.82 7.25
N ASP B 32 30.56 23.12 7.72
CA ASP B 32 31.79 22.70 7.05
C ASP B 32 32.37 21.53 7.81
N VAL B 33 31.93 20.32 7.45
CA VAL B 33 32.43 19.10 8.07
C VAL B 33 33.84 18.75 7.61
N LYS B 34 34.39 19.48 6.64
CA LYS B 34 35.77 19.27 6.24
C LYS B 34 36.73 19.65 7.38
N LEU B 35 36.39 20.70 8.13
CA LEU B 35 37.26 21.14 9.23
C LEU B 35 37.16 20.21 10.43
N GLU B 36 36.00 19.64 10.67
CA GLU B 36 35.77 18.77 11.81
C GLU B 36 36.22 17.35 11.47
N LYS B 37 36.62 16.61 12.50
CA LYS B 37 37.06 15.23 12.28
C LYS B 37 35.91 14.39 11.77
N THR B 38 36.01 13.92 10.52
CA THR B 38 34.89 13.25 9.88
C THR B 38 34.78 11.80 10.32
N VAL B 39 33.55 11.29 10.28
CA VAL B 39 33.27 9.87 10.52
C VAL B 39 33.81 9.06 9.35
N PRO B 40 34.57 7.98 9.58
CA PRO B 40 35.06 7.20 8.44
C PRO B 40 33.94 6.54 7.66
N ARG B 41 34.19 6.41 6.35
CA ARG B 41 33.29 5.75 5.40
C ARG B 41 33.88 4.48 4.81
N LEU B 42 33.14 3.37 4.88
CA LEU B 42 33.56 2.08 4.34
C LEU B 42 32.47 1.50 3.47
N HIS B 43 32.88 0.87 2.37
CA HIS B 43 31.97 0.27 1.40
C HIS B 43 31.84 -1.21 1.72
N ARG B 44 30.62 -1.64 2.05
CA ARG B 44 30.29 -3.05 2.27
C ARG B 44 31.40 -3.77 3.02
N PRO B 45 31.85 -3.26 4.16
CA PRO B 45 32.88 -3.96 4.93
C PRO B 45 32.39 -5.33 5.36
N SER B 46 33.33 -6.26 5.54
CA SER B 46 32.95 -7.59 6.00
C SER B 46 32.29 -7.49 7.37
N LEU B 47 31.49 -8.50 7.70
CA LEU B 47 30.90 -8.57 9.04
C LEU B 47 31.98 -8.62 10.11
N GLN B 48 33.02 -9.42 9.90
CA GLN B 48 34.05 -9.60 10.92
C GLN B 48 34.77 -8.29 11.20
N HIS B 49 35.16 -7.58 10.14
CA HIS B 49 35.83 -6.29 10.31
C HIS B 49 34.91 -5.31 11.03
N PHE B 50 33.64 -5.24 10.63
CA PHE B 50 32.70 -4.36 11.32
C PHE B 50 32.61 -4.72 12.80
N ARG B 51 32.56 -6.01 13.13
CA ARG B 51 32.44 -6.44 14.52
C ARG B 51 33.66 -6.02 15.32
N GLU B 52 34.85 -6.22 14.75
CA GLU B 52 36.07 -6.03 15.52
C GLU B 52 36.47 -4.56 15.62
N GLN B 53 36.27 -3.80 14.54
CA GLN B 53 36.83 -2.47 14.48
C GLN B 53 35.84 -1.41 14.92
N PHE B 54 34.55 -1.74 14.95
CA PHE B 54 33.51 -0.75 15.21
C PHE B 54 32.53 -1.20 16.29
N LEU B 55 31.96 -2.40 16.14
CA LEU B 55 30.90 -2.83 17.06
C LEU B 55 31.43 -3.05 18.47
N VAL B 56 32.46 -3.89 18.61
CA VAL B 56 33.00 -4.20 19.94
C VAL B 56 33.63 -2.97 20.59
N PRO B 57 34.47 -2.22 19.89
CA PRO B 57 35.06 -1.01 20.50
C PRO B 57 34.12 0.18 20.58
N GLY B 58 32.98 0.15 19.90
CA GLY B 58 32.03 1.24 19.99
C GLY B 58 32.41 2.46 19.20
N ARG B 59 32.90 2.28 17.96
CA ARG B 59 33.37 3.38 17.13
C ARG B 59 32.39 3.64 16.00
N PRO B 60 32.06 4.91 15.72
CA PRO B 60 31.11 5.19 14.63
C PRO B 60 31.72 4.91 13.26
N VAL B 61 30.84 4.62 12.30
CA VAL B 61 31.27 4.41 10.91
C VAL B 61 30.08 4.66 10.01
N ILE B 62 30.36 5.04 8.76
CA ILE B 62 29.33 5.12 7.72
C ILE B 62 29.51 3.95 6.75
N LEU B 63 28.44 3.20 6.55
CA LEU B 63 28.43 2.05 5.66
C LEU B 63 27.86 2.48 4.31
N LYS B 64 28.62 2.25 3.26
CA LYS B 64 28.26 2.61 1.90
C LYS B 64 27.97 1.36 1.09
N GLY B 65 27.19 1.52 0.02
CA GLY B 65 26.96 0.40 -0.86
C GLY B 65 26.12 -0.70 -0.26
N VAL B 66 25.42 -0.44 0.83
CA VAL B 66 24.60 -1.44 1.50
C VAL B 66 23.12 -1.15 1.31
N ALA B 67 22.67 0.05 1.67
CA ALA B 67 21.27 0.44 1.53
C ALA B 67 20.97 1.30 0.30
N ASP B 68 21.98 1.71 -0.47
CA ASP B 68 21.72 2.60 -1.60
C ASP B 68 20.88 2.00 -2.72
N HIS B 69 20.53 0.72 -2.68
CA HIS B 69 19.67 0.13 -3.69
C HIS B 69 18.36 -0.41 -3.11
N TRP B 70 18.13 -0.23 -1.82
CA TRP B 70 16.83 -0.46 -1.22
C TRP B 70 15.79 0.18 -2.13
N PRO B 71 14.63 -0.45 -2.34
CA PRO B 71 13.56 0.23 -3.11
C PRO B 71 13.20 1.62 -2.60
N CYS B 72 13.27 1.86 -1.29
CA CYS B 72 12.94 3.18 -0.76
C CYS B 72 13.78 4.28 -1.40
N MET B 73 15.03 3.97 -1.80
CA MET B 73 15.93 5.00 -2.28
C MET B 73 15.41 5.66 -3.55
N GLN B 74 14.89 4.88 -4.48
N GLN B 74 14.92 4.86 -4.48
CA GLN B 74 14.39 5.43 -5.73
CA GLN B 74 14.38 5.36 -5.74
C GLN B 74 12.88 5.58 -5.76
C GLN B 74 12.91 5.72 -5.63
N LYS B 75 12.15 5.02 -4.77
CA LYS B 75 10.70 5.18 -4.76
C LYS B 75 10.23 6.34 -3.89
N TRP B 76 10.80 6.54 -2.71
CA TRP B 76 10.18 7.46 -1.77
C TRP B 76 10.25 8.91 -2.23
N SER B 77 9.13 9.59 -2.05
CA SER B 77 8.93 10.97 -2.46
C SER B 77 7.64 11.44 -1.81
N LEU B 78 7.48 12.77 -1.72
CA LEU B 78 6.23 13.32 -1.19
C LEU B 78 5.02 12.72 -1.91
N GLU B 79 5.07 12.67 -3.25
CA GLU B 79 3.95 12.14 -4.02
C GLU B 79 3.66 10.69 -3.63
N TYR B 80 4.70 9.87 -3.56
CA TYR B 80 4.55 8.46 -3.24
C TYR B 80 4.06 8.25 -1.81
N ILE B 81 4.65 8.96 -0.85
CA ILE B 81 4.19 8.85 0.52
C ILE B 81 2.72 9.24 0.65
N GLN B 82 2.31 10.32 -0.01
CA GLN B 82 0.91 10.70 0.02
C GLN B 82 0.02 9.64 -0.63
N GLU B 83 0.46 9.11 -1.76
CA GLU B 83 -0.36 8.12 -2.47
C GLU B 83 -0.60 6.89 -1.63
N ILE B 84 0.38 6.48 -0.82
CA ILE B 84 0.32 5.20 -0.12
C ILE B 84 -0.15 5.33 1.31
N ALA B 85 0.17 6.43 1.99
CA ALA B 85 -0.03 6.55 3.42
C ALA B 85 -0.78 7.81 3.83
N GLY B 86 -1.05 8.74 2.90
CA GLY B 86 -1.47 10.07 3.30
C GLY B 86 -2.70 10.10 4.20
N CYS B 87 -3.50 9.03 4.19
N CYS B 87 -3.53 9.07 4.19
CA CYS B 87 -4.72 8.92 4.98
CA CYS B 87 -4.69 9.07 5.08
C CYS B 87 -4.49 8.29 6.36
C CYS B 87 -4.37 8.51 6.46
N ARG B 88 -3.29 7.76 6.61
CA ARG B 88 -2.99 7.10 7.88
C ARG B 88 -2.67 8.12 8.96
N THR B 89 -3.00 7.76 10.21
CA THR B 89 -2.75 8.62 11.36
C THR B 89 -1.35 8.39 11.92
N VAL B 90 -0.63 9.49 12.19
CA VAL B 90 0.71 9.43 12.80
C VAL B 90 0.85 10.50 13.89
N PRO B 91 1.72 10.24 14.87
CA PRO B 91 2.10 11.26 15.85
C PRO B 91 3.11 12.26 15.28
N VAL B 92 2.94 13.54 15.64
CA VAL B 92 3.79 14.61 15.13
C VAL B 92 4.27 15.43 16.32
N GLU B 93 5.60 15.60 16.42
CA GLU B 93 6.23 16.35 17.50
C GLU B 93 6.31 17.83 17.17
N VAL B 94 6.19 18.65 18.20
CA VAL B 94 6.41 20.10 18.08
C VAL B 94 7.07 20.58 19.36
N GLY B 95 8.08 21.42 19.19
CA GLY B 95 8.84 21.95 20.30
C GLY B 95 10.19 21.27 20.43
N SER B 96 11.05 21.87 21.25
CA SER B 96 12.38 21.35 21.50
C SER B 96 12.32 20.16 22.45
N ARG B 97 13.25 19.21 22.25
CA ARG B 97 13.26 17.95 22.98
C ARG B 97 14.26 17.95 24.14
N TYR B 98 14.58 19.13 24.68
CA TYR B 98 15.53 19.20 25.79
C TYR B 98 14.93 18.72 27.10
N THR B 99 13.63 18.95 27.31
CA THR B 99 12.94 18.48 28.51
C THR B 99 11.51 18.14 28.14
N ASP B 100 10.93 17.21 28.90
CA ASP B 100 9.56 16.76 28.62
C ASP B 100 8.61 17.93 28.43
N GLU B 101 8.65 18.91 29.33
CA GLU B 101 7.71 20.02 29.30
C GLU B 101 7.87 20.91 28.07
N GLU B 102 8.93 20.74 27.29
CA GLU B 102 9.22 21.67 26.21
C GLU B 102 8.60 21.27 24.88
N TRP B 103 8.11 20.03 24.74
CA TRP B 103 7.59 19.56 23.47
C TRP B 103 6.34 18.73 23.70
N SER B 104 5.63 18.46 22.60
CA SER B 104 4.38 17.74 22.68
C SER B 104 4.06 17.11 21.32
N GLN B 105 3.43 15.96 21.35
CA GLN B 105 2.99 15.29 20.14
C GLN B 105 1.49 15.45 19.92
N THR B 106 1.08 15.24 18.68
CA THR B 106 -0.33 15.32 18.32
C THR B 106 -0.59 14.42 17.12
N LEU B 107 -1.73 13.73 17.11
CA LEU B 107 -2.03 12.86 15.97
C LEU B 107 -2.63 13.65 14.82
N MET B 108 -2.25 13.26 13.62
CA MET B 108 -2.82 13.83 12.40
C MET B 108 -2.49 12.89 11.26
N THR B 109 -3.22 13.03 10.16
CA THR B 109 -2.89 12.22 9.01
C THR B 109 -1.56 12.69 8.42
N VAL B 110 -0.92 11.79 7.67
CA VAL B 110 0.30 12.14 6.96
C VAL B 110 0.07 13.33 6.02
N ASN B 111 -1.06 13.35 5.32
CA ASN B 111 -1.36 14.48 4.44
C ASN B 111 -1.43 15.81 5.21
N GLU B 112 -2.07 15.79 6.38
CA GLU B 112 -2.15 16.99 7.20
C GLU B 112 -0.75 17.43 7.64
N PHE B 113 0.08 16.48 8.07
CA PHE B 113 1.45 16.80 8.45
C PHE B 113 2.22 17.46 7.32
N ILE B 114 2.15 16.87 6.13
CA ILE B 114 2.90 17.39 4.99
C ILE B 114 2.42 18.80 4.67
N SER B 115 1.11 19.00 4.54
CA SER B 115 0.63 20.32 4.15
C SER B 115 0.98 21.37 5.19
N LYS B 116 0.83 21.05 6.48
CA LYS B 116 0.96 22.09 7.50
C LYS B 116 2.41 22.38 7.84
N TYR B 117 3.26 21.36 7.87
CA TYR B 117 4.63 21.55 8.33
C TYR B 117 5.67 21.43 7.22
N ILE B 118 5.27 21.01 6.02
CA ILE B 118 6.22 20.90 4.91
C ILE B 118 5.83 21.81 3.75
N VAL B 119 4.63 21.65 3.20
CA VAL B 119 4.28 22.26 1.90
C VAL B 119 3.81 23.70 2.07
N ASN B 120 2.89 23.94 3.00
CA ASN B 120 2.38 25.27 3.22
C ASN B 120 3.37 25.99 4.10
N GLU B 121 3.54 27.29 3.85
CA GLU B 121 4.56 28.03 4.56
C GLU B 121 4.61 27.66 6.03
N PRO B 122 5.55 26.77 6.40
CA PRO B 122 5.51 26.19 7.74
C PRO B 122 5.90 27.22 8.77
N ARG B 123 4.92 27.79 9.47
CA ARG B 123 5.20 28.82 10.47
C ARG B 123 5.90 28.21 11.68
N ASP B 124 5.57 26.96 12.01
CA ASP B 124 6.20 26.22 13.07
C ASP B 124 7.00 25.08 12.49
N VAL B 125 7.78 24.42 13.34
CA VAL B 125 8.53 23.23 12.95
C VAL B 125 7.74 22.04 13.46
N GLY B 126 7.46 21.10 12.57
CA GLY B 126 6.85 19.84 12.94
C GLY B 126 7.71 18.67 12.47
N TYR B 127 7.66 17.59 13.24
CA TYR B 127 8.55 16.46 12.99
C TYR B 127 7.84 15.16 13.28
N LEU B 128 7.74 14.30 12.26
CA LEU B 128 7.28 12.92 12.45
C LEU B 128 8.50 12.07 12.80
N ALA B 129 8.78 12.01 14.10
CA ALA B 129 10.00 11.43 14.64
C ALA B 129 9.69 10.18 15.46
N GLN B 130 10.65 9.25 15.46
CA GLN B 130 10.64 8.12 16.37
C GLN B 130 9.29 7.41 16.38
N HIS B 131 8.78 7.12 15.17
CA HIS B 131 7.51 6.42 15.01
C HIS B 131 7.72 5.14 14.21
N GLN B 132 7.17 4.04 14.74
CA GLN B 132 7.28 2.73 14.11
C GLN B 132 6.27 2.67 12.96
N LEU B 133 6.53 3.51 11.96
CA LEU B 133 5.62 3.64 10.83
C LEU B 133 5.52 2.36 10.03
N PHE B 134 6.58 1.55 10.03
CA PHE B 134 6.64 0.38 9.17
C PHE B 134 5.91 -0.82 9.75
N ASP B 135 5.65 -0.84 11.06
CA ASP B 135 4.74 -1.82 11.63
C ASP B 135 3.29 -1.43 11.38
N GLN B 136 3.02 -0.13 11.34
CA GLN B 136 1.69 0.38 11.02
C GLN B 136 1.32 0.16 9.55
N ILE B 137 2.29 0.29 8.66
CA ILE B 137 2.05 0.31 7.22
C ILE B 137 2.98 -0.70 6.54
N PRO B 138 2.62 -1.99 6.50
CA PRO B 138 3.57 -3.01 5.98
C PRO B 138 4.00 -2.75 4.54
N GLU B 139 3.18 -2.07 3.74
CA GLU B 139 3.57 -1.78 2.37
C GLU B 139 4.91 -1.05 2.33
N LEU B 140 5.09 -0.06 3.20
CA LEU B 140 6.35 0.67 3.22
C LEU B 140 7.47 -0.17 3.78
N LYS B 141 7.17 -1.08 4.71
CA LYS B 141 8.20 -2.00 5.18
C LYS B 141 8.77 -2.79 4.02
N GLN B 142 7.99 -3.01 2.97
CA GLN B 142 8.52 -3.74 1.83
C GLN B 142 9.66 -3.00 1.11
N ASP B 143 9.83 -1.71 1.36
CA ASP B 143 10.80 -0.88 0.64
C ASP B 143 12.15 -0.79 1.35
N ILE B 144 12.27 -1.41 2.53
CA ILE B 144 13.48 -1.35 3.34
C ILE B 144 13.86 -2.78 3.72
N SER B 145 15.02 -2.91 4.35
CA SER B 145 15.54 -4.20 4.75
C SER B 145 16.27 -4.05 6.06
N ILE B 146 16.45 -5.17 6.75
CA ILE B 146 17.29 -5.18 7.95
C ILE B 146 18.74 -5.36 7.52
N PRO B 147 19.65 -4.49 7.94
CA PRO B 147 21.08 -4.65 7.59
C PRO B 147 21.62 -5.99 8.07
N ASP B 148 22.47 -6.62 7.25
CA ASP B 148 23.05 -7.90 7.64
C ASP B 148 23.88 -7.78 8.91
N TYR B 149 24.42 -6.59 9.17
CA TYR B 149 25.25 -6.39 10.36
C TYR B 149 24.48 -6.62 11.65
N CYS B 150 23.15 -6.46 11.62
CA CYS B 150 22.35 -6.69 12.82
C CYS B 150 22.49 -8.12 13.32
N SER B 151 22.88 -9.05 12.44
CA SER B 151 23.00 -10.43 12.89
C SER B 151 24.16 -10.62 13.86
N LEU B 152 25.02 -9.61 14.03
CA LEU B 152 26.09 -9.72 15.01
C LEU B 152 25.62 -9.48 16.43
N GLY B 153 24.40 -9.01 16.62
CA GLY B 153 23.90 -8.76 17.95
C GLY B 153 23.46 -10.05 18.62
N ASP B 154 23.07 -9.93 19.87
CA ASP B 154 22.50 -11.07 20.60
C ASP B 154 21.01 -11.21 20.39
N GLY B 155 20.29 -10.10 20.20
CA GLY B 155 18.85 -10.16 20.13
C GLY B 155 18.36 -10.80 18.85
N GLU B 156 17.05 -10.99 18.81
CA GLU B 156 16.38 -11.58 17.66
C GLU B 156 16.00 -10.49 16.66
N GLU B 157 15.69 -10.92 15.44
CA GLU B 157 15.30 -9.96 14.40
C GLU B 157 13.99 -9.26 14.76
N GLU B 158 13.05 -9.98 15.38
CA GLU B 158 11.77 -9.39 15.73
C GLU B 158 11.90 -8.36 16.84
N GLU B 159 13.00 -8.37 17.59
CA GLU B 159 13.23 -7.35 18.61
C GLU B 159 13.70 -6.04 18.01
N ILE B 160 14.26 -6.05 16.81
CA ILE B 160 14.81 -4.83 16.24
C ILE B 160 13.68 -3.83 16.08
N THR B 161 13.90 -2.59 16.53
CA THR B 161 12.87 -1.56 16.45
C THR B 161 13.22 -0.64 15.31
N ILE B 162 12.29 -0.44 14.39
CA ILE B 162 12.52 0.36 13.19
C ILE B 162 11.65 1.60 13.29
N ASN B 163 12.30 2.76 13.42
CA ASN B 163 11.60 4.02 13.55
C ASN B 163 11.77 4.86 12.29
N ALA B 164 10.75 5.65 11.99
CA ALA B 164 10.77 6.60 10.90
C ALA B 164 11.05 7.99 11.43
N TRP B 165 11.76 8.79 10.64
CA TRP B 165 12.05 10.18 10.98
C TRP B 165 11.82 10.98 9.71
N PHE B 166 10.69 11.67 9.64
CA PHE B 166 10.25 12.31 8.40
C PHE B 166 9.91 13.74 8.76
N GLY B 167 10.54 14.70 8.09
CA GLY B 167 10.27 16.08 8.40
C GLY B 167 10.90 17.07 7.46
N PRO B 168 10.59 18.35 7.69
CA PRO B 168 11.12 19.42 6.83
C PRO B 168 12.60 19.68 7.10
N GLN B 169 13.18 20.47 6.21
CA GLN B 169 14.44 21.11 6.51
C GLN B 169 14.35 21.78 7.87
N GLY B 170 15.40 21.66 8.67
CA GLY B 170 15.49 22.42 9.90
C GLY B 170 15.07 21.68 11.15
N THR B 171 14.55 20.47 11.05
CA THR B 171 14.31 19.70 12.27
C THR B 171 15.62 19.48 13.00
N ILE B 172 15.54 19.46 14.33
CA ILE B 172 16.70 19.27 15.18
C ILE B 172 16.35 18.28 16.27
N SER B 173 17.20 17.27 16.44
CA SER B 173 17.14 16.38 17.59
C SER B 173 18.31 16.72 18.51
N PRO B 174 18.07 17.30 19.69
CA PRO B 174 19.17 17.63 20.59
C PRO B 174 20.04 16.44 20.98
N LEU B 175 21.26 16.77 21.40
CA LEU B 175 22.27 15.77 21.74
C LEU B 175 21.76 14.83 22.82
N HIS B 176 21.77 13.53 22.51
CA HIS B 176 21.24 12.50 23.38
C HIS B 176 21.91 11.18 23.05
N GLN B 177 21.67 10.20 23.92
CA GLN B 177 22.18 8.83 23.78
C GLN B 177 21.04 7.84 23.95
N ASP B 178 21.18 6.68 23.30
CA ASP B 178 20.16 5.65 23.27
C ASP B 178 20.70 4.35 23.85
N PRO B 179 19.83 3.46 24.31
CA PRO B 179 20.29 2.25 25.04
C PRO B 179 20.55 1.05 24.16
N GLN B 180 20.53 1.21 22.84
CA GLN B 180 20.80 0.13 21.92
C GLN B 180 21.71 0.64 20.81
N GLN B 181 22.27 -0.30 20.06
CA GLN B 181 22.98 0.04 18.84
C GLN B 181 21.98 0.65 17.85
N ASN B 182 22.48 1.44 16.90
CA ASN B 182 21.61 2.05 15.91
C ASN B 182 22.24 2.06 14.52
N PHE B 183 21.45 1.69 13.50
CA PHE B 183 21.75 2.04 12.12
C PHE B 183 20.74 3.08 11.66
N LEU B 184 21.23 4.27 11.34
CA LEU B 184 20.40 5.35 10.84
C LEU B 184 20.60 5.46 9.33
N VAL B 185 19.57 5.15 8.57
CA VAL B 185 19.63 5.09 7.12
C VAL B 185 19.00 6.35 6.59
N GLN B 186 19.73 7.09 5.76
CA GLN B 186 19.21 8.29 5.14
C GLN B 186 18.61 7.93 3.79
N VAL B 187 17.33 8.24 3.59
CA VAL B 187 16.64 7.96 2.34
C VAL B 187 16.43 9.24 1.53
N MET B 188 15.86 10.27 2.16
CA MET B 188 15.60 11.56 1.54
C MET B 188 16.41 12.64 2.23
N GLY B 189 16.94 13.59 1.45
CA GLY B 189 17.62 14.73 2.02
C GLY B 189 18.90 14.35 2.72
N ARG B 190 19.52 15.36 3.32
CA ARG B 190 20.79 15.21 4.01
C ARG B 190 20.63 15.65 5.45
N LYS B 191 21.45 15.07 6.33
CA LYS B 191 21.45 15.47 7.73
C LYS B 191 22.87 15.75 8.22
N TYR B 192 23.02 16.82 8.99
CA TYR B 192 24.24 17.06 9.74
C TYR B 192 24.20 16.37 11.09
N ILE B 193 25.22 15.56 11.37
CA ILE B 193 25.25 14.71 12.54
C ILE B 193 26.58 14.93 13.26
N ARG B 194 26.51 15.07 14.57
CA ARG B 194 27.69 15.18 15.41
C ARG B 194 27.62 14.10 16.47
N LEU B 195 28.78 13.51 16.79
CA LEU B 195 28.87 12.33 17.63
C LEU B 195 29.94 12.57 18.69
N TYR B 196 29.56 12.34 19.96
CA TYR B 196 30.49 12.42 21.08
C TYR B 196 30.54 11.07 21.78
N SER B 197 31.75 10.59 22.01
CA SER B 197 31.94 9.31 22.68
C SER B 197 31.34 9.35 24.07
N PRO B 198 30.94 8.20 24.62
CA PRO B 198 30.47 8.19 26.01
C PRO B 198 31.48 8.76 26.99
N GLN B 199 32.78 8.55 26.75
CA GLN B 199 33.80 9.17 27.59
C GLN B 199 33.51 10.64 27.81
N GLU B 200 33.14 11.35 26.75
CA GLU B 200 33.07 12.80 26.88
C GLU B 200 31.84 13.25 27.64
N SER B 201 31.12 12.32 28.28
CA SER B 201 29.83 12.65 28.87
C SER B 201 29.96 13.79 29.88
N GLY B 202 31.05 13.80 30.66
CA GLY B 202 31.24 14.86 31.64
C GLY B 202 31.17 16.23 31.02
N ALA B 203 31.71 16.38 29.82
CA ALA B 203 31.81 17.68 29.15
C ALA B 203 30.50 18.09 28.48
N LEU B 204 29.47 17.24 28.55
CA LEU B 204 28.20 17.47 27.88
C LEU B 204 27.06 17.85 28.83
N TYR B 205 27.31 17.91 30.13
CA TYR B 205 26.35 18.45 31.09
C TYR B 205 24.97 17.83 30.90
N PRO B 206 24.84 16.53 31.15
CA PRO B 206 23.54 15.85 31.08
C PRO B 206 22.52 16.50 32.02
N HIS B 207 21.26 16.46 31.61
CA HIS B 207 20.21 16.91 32.52
C HIS B 207 20.29 16.10 33.81
N ASP B 208 19.88 16.73 34.91
CA ASP B 208 19.97 16.11 36.24
C ASP B 208 18.83 15.16 36.61
N THR B 209 17.70 15.15 35.91
CA THR B 209 16.71 14.13 36.20
C THR B 209 17.36 12.74 36.08
N HIS B 210 17.22 11.94 37.14
CA HIS B 210 17.73 10.57 37.07
C HIS B 210 17.02 9.75 36.00
N LEU B 211 15.73 10.04 35.78
CA LEU B 211 14.99 9.31 34.77
C LEU B 211 15.47 9.65 33.36
N LEU B 212 15.71 10.93 33.07
CA LEU B 212 16.13 11.31 31.72
C LEU B 212 17.46 12.05 31.70
N HIS B 213 18.49 11.49 32.35
CA HIS B 213 19.83 12.03 32.26
C HIS B 213 20.51 11.68 30.95
N ASN B 214 19.77 11.22 29.95
CA ASN B 214 20.37 10.75 28.71
C ASN B 214 20.43 11.82 27.61
N THR B 215 20.08 13.07 27.92
CA THR B 215 19.99 14.15 26.94
C THR B 215 20.84 15.29 27.49
N SER B 216 21.62 15.94 26.62
CA SER B 216 22.44 17.06 27.05
C SER B 216 21.64 18.34 27.28
N GLN B 217 22.11 19.14 28.24
CA GLN B 217 21.62 20.49 28.46
C GLN B 217 22.17 21.50 27.44
N VAL B 218 23.15 21.10 26.66
CA VAL B 218 23.85 22.03 25.78
C VAL B 218 23.17 22.06 24.42
N ASP B 219 23.30 23.19 23.73
CA ASP B 219 22.78 23.38 22.38
C ASP B 219 23.97 23.29 21.44
N VAL B 220 24.21 22.09 20.90
CA VAL B 220 25.48 21.76 20.24
C VAL B 220 25.91 22.90 19.33
N GLU B 221 24.99 23.42 18.53
CA GLU B 221 25.34 24.38 17.49
C GLU B 221 25.27 25.82 17.97
N ASN B 222 24.85 26.08 19.22
CA ASN B 222 24.91 27.43 19.78
C ASN B 222 25.06 27.36 21.29
N PRO B 223 26.19 26.86 21.77
CA PRO B 223 26.36 26.61 23.21
C PRO B 223 26.62 27.89 24.00
N ASP B 224 26.11 27.90 25.21
CA ASP B 224 26.38 28.96 26.20
C ASP B 224 27.70 28.58 26.85
N LEU B 225 28.78 29.22 26.40
CA LEU B 225 30.14 28.82 26.80
C LEU B 225 30.53 29.29 28.18
N GLU B 226 29.73 30.15 28.81
CA GLU B 226 29.90 30.41 30.24
C GLU B 226 29.28 29.27 31.07
N LYS B 227 28.03 28.94 30.79
CA LYS B 227 27.33 27.93 31.58
C LYS B 227 27.95 26.55 31.38
N PHE B 228 28.43 26.25 30.18
CA PHE B 228 28.86 24.91 29.79
C PHE B 228 30.31 24.94 29.32
N PRO B 229 31.24 25.36 30.18
CA PRO B 229 32.62 25.58 29.69
C PRO B 229 33.34 24.34 29.18
N LYS B 230 33.11 23.15 29.76
CA LYS B 230 33.83 21.97 29.28
C LYS B 230 33.45 21.56 27.86
N PHE B 231 32.28 21.97 27.37
CA PHE B 231 31.84 21.57 26.04
C PHE B 231 32.73 22.09 24.92
N ALA B 232 33.36 23.24 25.10
CA ALA B 232 34.02 23.86 23.96
C ALA B 232 35.16 22.98 23.45
N LYS B 233 35.84 22.30 24.36
CA LYS B 233 37.02 21.51 24.06
C LYS B 233 36.73 20.02 23.86
N ALA B 234 35.49 19.58 24.02
CA ALA B 234 35.19 18.16 23.90
C ALA B 234 35.40 17.68 22.46
N PRO B 235 36.16 16.61 22.23
CA PRO B 235 36.34 16.13 20.85
C PRO B 235 35.10 15.43 20.35
N PHE B 236 34.95 15.41 19.02
CA PHE B 236 33.78 14.79 18.42
C PHE B 236 34.10 14.36 17.00
N LEU B 237 33.19 13.58 16.44
CA LEU B 237 33.18 13.25 15.02
C LEU B 237 31.96 13.93 14.41
N SER B 238 32.01 14.22 13.12
CA SER B 238 30.84 14.77 12.45
C SER B 238 30.74 14.26 11.03
N CYS B 239 29.53 14.41 10.47
CA CYS B 239 29.34 14.02 9.08
C CYS B 239 28.11 14.72 8.53
N ILE B 240 28.04 14.72 7.21
CA ILE B 240 26.79 14.96 6.50
C ILE B 240 26.38 13.62 5.92
N LEU B 241 25.26 13.10 6.41
CA LEU B 241 24.73 11.83 5.97
C LEU B 241 23.79 12.07 4.80
N SER B 242 24.06 11.42 3.67
CA SER B 242 23.36 11.62 2.42
C SER B 242 22.61 10.36 1.99
N PRO B 243 21.62 10.49 1.10
CA PRO B 243 20.79 9.34 0.75
C PRO B 243 21.64 8.13 0.33
N GLY B 244 21.23 6.97 0.83
CA GLY B 244 21.87 5.70 0.54
C GLY B 244 22.95 5.32 1.51
N GLU B 245 23.31 6.21 2.43
CA GLU B 245 24.34 5.98 3.42
C GLU B 245 23.72 5.49 4.72
N ILE B 246 24.47 4.66 5.45
CA ILE B 246 24.06 4.20 6.77
C ILE B 246 25.06 4.70 7.79
N LEU B 247 24.57 5.35 8.85
CA LEU B 247 25.41 5.73 9.98
C LEU B 247 25.21 4.70 11.09
N PHE B 248 26.30 4.07 11.52
CA PHE B 248 26.28 3.24 12.71
C PHE B 248 26.52 4.13 13.93
N ILE B 249 25.54 4.19 14.83
CA ILE B 249 25.68 4.92 16.09
C ILE B 249 25.83 3.89 17.19
N PRO B 250 27.05 3.68 17.70
CA PRO B 250 27.23 2.70 18.79
C PRO B 250 26.32 3.05 19.95
N VAL B 251 25.90 2.00 20.66
CA VAL B 251 25.11 2.17 21.86
C VAL B 251 25.72 3.23 22.76
N LYS B 252 24.88 4.11 23.29
CA LYS B 252 25.27 5.10 24.29
C LYS B 252 26.07 6.25 23.70
N TYR B 253 26.43 6.19 22.42
CA TYR B 253 27.11 7.31 21.79
C TYR B 253 26.18 8.52 21.70
N TRP B 254 26.68 9.69 22.07
CA TRP B 254 25.88 10.90 22.00
C TRP B 254 25.82 11.37 20.56
N HIS B 255 24.63 11.72 20.10
CA HIS B 255 24.45 12.14 18.72
C HIS B 255 23.50 13.33 18.68
N TYR B 256 23.79 14.26 17.77
CA TYR B 256 23.00 15.45 17.52
C TYR B 256 22.75 15.49 16.02
N VAL B 257 21.50 15.79 15.64
CA VAL B 257 21.07 15.64 14.26
C VAL B 257 20.24 16.84 13.85
N ARG B 258 20.63 17.49 12.75
CA ARG B 258 19.84 18.54 12.15
C ARG B 258 19.59 18.22 10.69
N ALA B 259 18.32 18.27 10.28
CA ALA B 259 18.00 18.04 8.87
C ALA B 259 18.39 19.26 8.05
N LEU B 260 19.10 19.02 6.96
CA LEU B 260 19.56 20.08 6.07
C LEU B 260 18.60 20.31 4.91
N ASP B 261 17.71 19.36 4.66
CA ASP B 261 16.72 19.46 3.59
C ASP B 261 15.48 18.75 4.09
N LEU B 262 14.40 18.86 3.32
CA LEU B 262 13.33 17.90 3.54
C LEU B 262 13.97 16.52 3.61
N SER B 263 13.68 15.80 4.69
CA SER B 263 14.47 14.64 5.06
C SER B 263 13.59 13.48 5.51
N PHE B 264 14.04 12.27 5.15
CA PHE B 264 13.44 11.04 5.62
C PHE B 264 14.56 10.07 6.00
N SER B 265 14.59 9.67 7.27
CA SER B 265 15.54 8.69 7.80
C SER B 265 14.79 7.51 8.41
N VAL B 266 15.47 6.37 8.47
CA VAL B 266 14.95 5.13 9.06
C VAL B 266 16.00 4.59 10.02
N SER B 267 15.66 4.53 11.31
CA SER B 267 16.59 4.04 12.30
C SER B 267 16.24 2.61 12.69
N PHE B 268 17.28 1.84 13.00
CA PHE B 268 17.20 0.45 13.41
C PHE B 268 17.88 0.33 14.76
N TRP B 269 17.11 0.16 15.82
CA TRP B 269 17.63 -0.03 17.17
C TRP B 269 17.73 -1.52 17.43
N TRP B 270 18.94 -2.01 17.66
CA TRP B 270 19.19 -3.44 17.79
C TRP B 270 20.25 -3.68 18.85
N SER B 271 20.42 -4.95 19.20
N SER B 271 20.51 -4.95 19.13
CA SER B 271 21.36 -5.36 20.24
CA SER B 271 21.56 -5.31 20.09
C SER B 271 21.92 -6.75 19.96
C SER B 271 21.89 -6.80 20.04
MN MN C . -19.62 -6.80 -18.52
C1 AKG D . -17.94 -7.76 -16.61
O1 AKG D . -17.80 -7.53 -17.84
O2 AKG D . -17.08 -8.42 -15.98
C2 AKG D . -19.17 -7.25 -15.87
O5 AKG D . -20.03 -6.64 -16.40
C3 AKG D . -19.15 -7.58 -14.38
C4 AKG D . -20.43 -7.16 -13.67
C5 AKG D . -20.35 -7.39 -12.15
O3 AKG D . -21.18 -6.80 -11.40
O4 AKG D . -19.44 -8.17 -11.76
MN MN E . 18.65 8.79 18.97
C1 AKG F . 18.06 8.17 16.43
O1 AKG F . 18.04 7.60 15.31
O2 AKG F . 18.28 7.53 17.49
C2 AKG F . 17.82 9.67 16.49
O5 AKG F . 17.80 10.27 17.51
C3 AKG F . 17.59 10.30 15.11
C4 AKG F . 17.39 11.80 15.21
C5 AKG F . 16.85 12.36 13.88
O3 AKG F . 17.04 11.65 12.85
O4 AKG F . 16.25 13.46 13.91
#